data_7KJM
#
_entry.id   7KJM
#
_cell.length_a   37.355
_cell.length_b   38.451
_cell.length_c   138.022
_cell.angle_alpha   90.00
_cell.angle_beta   90.00
_cell.angle_gamma   90.00
#
_symmetry.space_group_name_H-M   'P 2 21 21'
#
loop_
_entity.id
_entity.type
_entity.pdbx_description
1 polymer 'E3 ubiquitin-protein ligase Mdm2'
2 polymer D-PMI-omega
3 non-polymer DI(HYDROXYETHYL)ETHER
4 non-polymer 'ISOPROPYL ALCOHOL'
5 non-polymer 'CHLORIDE ION'
6 water water
#
loop_
_entity_poly.entity_id
_entity_poly.type
_entity_poly.pdbx_seq_one_letter_code
_entity_poly.pdbx_strand_id
1 'polypeptide(L)'
;ETLVRPKPLLLKLLKSVGAQKDTYTMKEVLFYLGQYIMTKRLYDEKQQHIVYCSNDLLGDLFGVPSFSVKEHRKIYTMIY
RNLVV
;
A,C
2 'polypeptide(D)' (DGL)(DPN)(DTR)(DTY)(DVA)(DGL)(D0C)(DGL)(DLY)(DLE)(DLE)(DAR) B,D
#
# COMPACT_ATOMS: atom_id res chain seq x y z
N GLU A 1 -1.45 5.87 11.18
CA GLU A 1 -2.73 6.55 11.36
C GLU A 1 -3.81 5.51 11.60
N THR A 2 -4.35 5.01 10.49
CA THR A 2 -5.41 4.01 10.54
C THR A 2 -4.84 2.67 10.99
N LEU A 3 -5.70 1.89 11.60
CA LEU A 3 -5.32 0.58 12.09
C LEU A 3 -5.61 -0.45 11.01
N VAL A 4 -4.83 -1.51 11.02
CA VAL A 4 -5.05 -2.59 10.07
C VAL A 4 -5.11 -3.88 10.87
N ARG A 5 -5.66 -4.91 10.23
CA ARG A 5 -5.98 -6.17 10.91
C ARG A 5 -5.31 -7.30 10.15
N PRO A 6 -4.12 -7.75 10.57
CA PRO A 6 -3.49 -8.89 9.89
C PRO A 6 -4.37 -10.13 9.92
N LYS A 7 -4.40 -10.84 8.81
CA LYS A 7 -5.04 -12.15 8.73
C LYS A 7 -4.29 -13.12 9.63
N PRO A 8 -4.84 -14.30 9.91
CA PRO A 8 -4.24 -15.16 10.95
C PRO A 8 -2.81 -15.56 10.69
N LEU A 9 -2.44 -15.89 9.45
CA LEU A 9 -1.08 -16.32 9.18
C LEU A 9 -0.08 -15.19 9.32
N LEU A 10 -0.38 -14.01 8.74
CA LEU A 10 0.50 -12.88 8.95
C LEU A 10 0.61 -12.54 10.44
N LEU A 11 -0.50 -12.63 11.18
CA LEU A 11 -0.42 -12.38 12.62
C LEU A 11 0.57 -13.31 13.30
N LYS A 12 0.52 -14.61 12.97
CA LYS A 12 1.49 -15.54 13.54
C LYS A 12 2.92 -15.16 13.18
N LEU A 13 3.15 -14.74 11.94
CA LEU A 13 4.48 -14.26 11.57
C LEU A 13 4.92 -13.08 12.43
N LEU A 14 4.06 -12.08 12.59
CA LEU A 14 4.44 -10.90 13.36
C LEU A 14 4.72 -11.25 14.82
N LYS A 15 3.87 -12.10 15.40
CA LYS A 15 4.08 -12.46 16.80
C LYS A 15 5.35 -13.27 16.98
N SER A 16 5.76 -14.00 15.94
CA SER A 16 6.93 -14.85 16.05
C SER A 16 8.21 -14.05 16.24
N VAL A 17 8.22 -12.77 15.90
CA VAL A 17 9.38 -11.91 16.18
C VAL A 17 9.14 -11.01 17.37
N GLY A 18 8.17 -11.35 18.23
CA GLY A 18 7.98 -10.66 19.47
C GLY A 18 6.87 -9.64 19.50
N ALA A 19 6.15 -9.43 18.39
CA ALA A 19 4.99 -8.56 18.47
C ALA A 19 3.97 -9.17 19.42
N GLN A 20 3.32 -8.31 20.19
CA GLN A 20 2.32 -8.72 21.18
C GLN A 20 1.03 -7.96 20.95
N LYS A 21 0.63 -7.85 19.70
CA LYS A 21 -0.57 -7.13 19.30
C LYS A 21 -1.36 -8.00 18.32
N ASP A 22 -2.67 -7.76 18.30
CA ASP A 22 -3.53 -8.32 17.27
C ASP A 22 -3.91 -7.28 16.24
N THR A 23 -4.00 -6.02 16.62
N THR A 23 -3.95 -6.01 16.65
CA THR A 23 -4.26 -4.97 15.65
CA THR A 23 -4.31 -4.88 15.80
C THR A 23 -3.10 -3.99 15.68
C THR A 23 -3.09 -3.97 15.71
N TYR A 24 -2.83 -3.42 14.52
CA TYR A 24 -1.57 -2.76 14.26
C TYR A 24 -1.82 -1.52 13.40
N THR A 25 -0.91 -0.54 13.48
CA THR A 25 -0.91 0.40 12.36
C THR A 25 -0.09 -0.18 11.20
N MET A 26 -0.24 0.39 10.00
CA MET A 26 0.59 -0.09 8.91
C MET A 26 2.06 0.09 9.22
N LYS A 27 2.41 1.18 9.90
CA LYS A 27 3.80 1.42 10.29
C LYS A 27 4.32 0.28 11.17
N GLU A 28 3.50 -0.19 12.10
CA GLU A 28 3.91 -1.30 12.96
C GLU A 28 4.03 -2.60 12.17
N VAL A 29 3.14 -2.85 11.21
CA VAL A 29 3.27 -4.06 10.40
C VAL A 29 4.61 -4.07 9.69
N LEU A 30 4.99 -2.93 9.10
CA LEU A 30 6.26 -2.83 8.39
C LEU A 30 7.43 -2.98 9.35
N PHE A 31 7.32 -2.41 10.56
CA PHE A 31 8.36 -2.55 11.56
C PHE A 31 8.60 -4.01 11.90
N TYR A 32 7.53 -4.78 12.12
CA TYR A 32 7.76 -6.17 12.49
C TYR A 32 8.15 -7.02 11.29
N LEU A 33 7.63 -6.70 10.09
CA LEU A 33 8.07 -7.45 8.90
C LEU A 33 9.57 -7.25 8.68
N GLY A 34 10.04 -6.02 8.86
CA GLY A 34 11.47 -5.78 8.75
C GLY A 34 12.26 -6.54 9.79
N GLN A 35 11.76 -6.62 11.01
CA GLN A 35 12.47 -7.39 12.03
C GLN A 35 12.47 -8.86 11.68
N TYR A 36 11.35 -9.36 11.13
CA TYR A 36 11.31 -10.76 10.71
C TYR A 36 12.35 -11.05 9.63
N ILE A 37 12.41 -10.21 8.60
CA ILE A 37 13.39 -10.37 7.53
C ILE A 37 14.82 -10.34 8.09
N MET A 38 15.08 -9.41 9.02
CA MET A 38 16.41 -9.31 9.62
C MET A 38 16.75 -10.55 10.42
N THR A 39 15.87 -10.93 11.32
CA THR A 39 16.21 -12.01 12.24
C THR A 39 16.36 -13.32 11.49
N LYS A 40 15.60 -13.51 10.41
CA LYS A 40 15.72 -14.75 9.63
C LYS A 40 16.73 -14.63 8.51
N ARG A 41 17.41 -13.49 8.41
CA ARG A 41 18.45 -13.27 7.42
C ARG A 41 17.98 -13.64 6.01
N LEU A 42 16.75 -13.20 5.68
CA LEU A 42 16.20 -13.56 4.38
C LEU A 42 16.81 -12.75 3.24
N TYR A 43 17.43 -11.61 3.54
CA TYR A 43 18.08 -10.79 2.53
C TYR A 43 19.40 -11.46 2.11
N ASP A 44 19.85 -11.09 0.92
CA ASP A 44 21.15 -11.54 0.43
C ASP A 44 22.22 -10.68 1.10
N GLU A 45 23.17 -11.35 1.79
CA GLU A 45 24.24 -10.64 2.48
C GLU A 45 24.97 -9.64 1.58
N LYS A 46 25.12 -9.94 0.29
CA LYS A 46 25.88 -9.09 -0.63
C LYS A 46 25.02 -8.13 -1.44
N GLN A 47 23.70 -8.26 -1.38
CA GLN A 47 22.74 -7.47 -2.12
C GLN A 47 21.56 -7.31 -1.16
N GLN A 48 21.74 -6.46 -0.16
CA GLN A 48 20.89 -6.55 1.02
C GLN A 48 19.50 -6.01 0.78
N HIS A 49 19.27 -5.34 -0.34
CA HIS A 49 17.96 -4.88 -0.75
C HIS A 49 17.11 -5.98 -1.38
N ILE A 50 17.66 -7.16 -1.61
CA ILE A 50 16.92 -8.28 -2.22
C ILE A 50 16.57 -9.30 -1.13
N VAL A 51 15.30 -9.66 -1.02
CA VAL A 51 14.81 -10.61 -0.02
C VAL A 51 14.46 -11.90 -0.74
N TYR A 52 15.02 -13.02 -0.29
CA TYR A 52 14.74 -14.34 -0.86
C TYR A 52 13.85 -15.10 0.13
N CYS A 53 12.63 -15.39 -0.28
CA CYS A 53 11.62 -15.92 0.64
C CYS A 53 10.91 -17.18 0.12
N SER A 54 11.45 -17.83 -0.93
N SER A 54 11.42 -17.83 -0.93
CA SER A 54 10.71 -18.92 -1.57
CA SER A 54 10.65 -18.89 -1.54
C SER A 54 10.53 -20.15 -0.69
C SER A 54 10.45 -20.09 -0.62
N ASN A 55 11.35 -20.31 0.36
CA ASN A 55 11.19 -21.46 1.24
C ASN A 55 10.83 -21.03 2.64
N ASP A 56 10.21 -19.87 2.75
CA ASP A 56 9.82 -19.30 4.02
C ASP A 56 8.33 -18.98 4.02
N LEU A 57 7.74 -18.99 5.21
CA LEU A 57 6.35 -18.53 5.36
C LEU A 57 6.12 -17.21 4.65
N LEU A 58 7.08 -16.30 4.71
CA LEU A 58 6.86 -14.99 4.09
C LEU A 58 6.59 -15.12 2.60
N GLY A 59 7.29 -16.03 1.93
CA GLY A 59 7.04 -16.26 0.51
C GLY A 59 5.64 -16.79 0.24
N ASP A 60 5.16 -17.68 1.11
CA ASP A 60 3.79 -18.19 0.96
C ASP A 60 2.78 -17.06 1.14
N LEU A 61 3.05 -16.15 2.07
CA LEU A 61 2.09 -15.08 2.34
C LEU A 61 2.13 -14.03 1.25
N PHE A 62 3.32 -13.68 0.77
CA PHE A 62 3.45 -12.62 -0.22
C PHE A 62 3.20 -13.14 -1.63
N GLY A 63 3.33 -14.44 -1.84
CA GLY A 63 3.05 -15.01 -3.13
C GLY A 63 4.16 -14.82 -4.15
N VAL A 64 5.40 -14.67 -3.70
CA VAL A 64 6.56 -14.50 -4.59
C VAL A 64 7.74 -15.28 -4.02
N PRO A 65 8.69 -15.64 -4.89
CA PRO A 65 9.92 -16.31 -4.42
C PRO A 65 10.95 -15.35 -3.88
N SER A 66 10.89 -14.09 -4.27
CA SER A 66 11.86 -13.08 -3.90
C SER A 66 11.28 -11.73 -4.28
N PHE A 67 11.83 -10.67 -3.69
CA PHE A 67 11.42 -9.32 -4.03
C PHE A 67 12.54 -8.34 -3.65
N SER A 68 12.49 -7.15 -4.25
CA SER A 68 13.41 -6.08 -3.84
C SER A 68 12.68 -5.10 -2.93
N VAL A 69 13.38 -4.64 -1.89
CA VAL A 69 12.82 -3.59 -1.04
C VAL A 69 12.58 -2.28 -1.77
N LYS A 70 13.16 -2.10 -2.96
CA LYS A 70 12.91 -0.91 -3.77
C LYS A 70 11.57 -0.92 -4.44
N GLU A 71 10.84 -2.04 -4.40
CA GLU A 71 9.58 -2.20 -5.13
C GLU A 71 8.40 -1.94 -4.19
N HIS A 72 8.18 -0.66 -3.85
CA HIS A 72 7.24 -0.41 -2.75
C HIS A 72 5.82 -0.70 -3.18
N ARG A 73 5.43 -0.42 -4.42
CA ARG A 73 4.06 -0.72 -4.84
C ARG A 73 3.79 -2.19 -4.69
N LYS A 74 4.74 -3.01 -5.13
CA LYS A 74 4.57 -4.44 -5.04
C LYS A 74 4.49 -4.89 -3.60
N ILE A 75 5.35 -4.35 -2.74
CA ILE A 75 5.29 -4.73 -1.34
C ILE A 75 3.93 -4.41 -0.73
N TYR A 76 3.36 -3.21 -1.01
CA TYR A 76 2.04 -2.92 -0.45
C TYR A 76 0.97 -3.89 -0.96
N THR A 77 1.03 -4.26 -2.25
CA THR A 77 0.01 -5.21 -2.70
C THR A 77 0.19 -6.55 -2.01
N MET A 78 1.43 -6.95 -1.73
CA MET A 78 1.67 -8.23 -1.07
C MET A 78 1.20 -8.20 0.38
N ILE A 79 1.44 -7.08 1.07
CA ILE A 79 0.96 -6.95 2.45
C ILE A 79 -0.55 -6.94 2.49
N TYR A 80 -1.20 -6.19 1.59
CA TYR A 80 -2.66 -6.12 1.63
C TYR A 80 -3.37 -7.43 1.30
N ARG A 81 -2.69 -8.37 0.68
CA ARG A 81 -3.27 -9.72 0.46
C ARG A 81 -3.47 -10.36 1.83
N ASN A 82 -2.76 -9.85 2.83
CA ASN A 82 -2.71 -10.44 4.15
C ASN A 82 -3.38 -9.59 5.22
N LEU A 83 -4.15 -8.58 4.84
CA LEU A 83 -4.87 -7.75 5.80
C LEU A 83 -6.36 -7.95 5.57
N VAL A 84 -7.14 -7.91 6.66
CA VAL A 84 -8.60 -7.97 6.58
C VAL A 84 -9.05 -6.53 6.35
N VAL A 85 -9.43 -6.21 5.11
CA VAL A 85 -9.86 -4.85 4.83
C VAL A 85 -11.34 -4.65 5.22
N THR C 2 0.12 -8.50 -10.80
CA THR C 2 -0.93 -8.24 -9.81
C THR C 2 -1.90 -7.13 -10.21
N LEU C 3 -3.20 -7.42 -10.14
CA LEU C 3 -4.22 -6.47 -10.57
C LEU C 3 -5.15 -6.12 -9.41
N VAL C 4 -5.57 -4.86 -9.39
CA VAL C 4 -6.57 -4.41 -8.43
C VAL C 4 -7.84 -3.95 -9.15
N ARG C 5 -8.95 -3.98 -8.43
CA ARG C 5 -10.24 -3.66 -9.03
C ARG C 5 -10.86 -2.48 -8.28
N PRO C 6 -10.87 -1.27 -8.84
CA PRO C 6 -11.48 -0.13 -8.13
C PRO C 6 -12.96 -0.34 -7.85
N LYS C 7 -13.38 0.17 -6.69
CA LYS C 7 -14.79 0.32 -6.36
C LYS C 7 -15.41 1.35 -7.30
N PRO C 8 -16.75 1.42 -7.37
CA PRO C 8 -17.38 2.25 -8.40
C PRO C 8 -16.97 3.72 -8.43
N LEU C 9 -16.87 4.40 -7.29
CA LEU C 9 -16.54 5.82 -7.30
C LEU C 9 -15.10 6.07 -7.73
N LEU C 10 -14.15 5.29 -7.21
CA LEU C 10 -12.79 5.42 -7.69
C LEU C 10 -12.72 5.10 -9.19
N LEU C 11 -13.48 4.09 -9.64
CA LEU C 11 -13.46 3.80 -11.07
C LEU C 11 -13.92 5.00 -11.88
N LYS C 12 -14.95 5.70 -11.38
CA LYS C 12 -15.43 6.90 -12.06
C LYS C 12 -14.35 7.96 -12.15
N LEU C 13 -13.63 8.18 -11.06
CA LEU C 13 -12.55 9.14 -11.03
C LEU C 13 -11.50 8.77 -12.05
N LEU C 14 -11.07 7.50 -12.08
CA LEU C 14 -10.04 7.10 -13.04
C LEU C 14 -10.52 7.28 -14.47
N LYS C 15 -11.76 6.91 -14.75
CA LYS C 15 -12.27 7.04 -16.11
C LYS C 15 -12.36 8.50 -16.52
N SER C 16 -12.49 9.42 -15.57
CA SER C 16 -12.61 10.85 -15.87
C SER C 16 -11.30 11.46 -16.38
N VAL C 17 -10.18 10.75 -16.24
CA VAL C 17 -8.89 11.09 -16.83
C VAL C 17 -8.42 10.03 -17.82
N GLY C 18 -9.35 9.25 -18.36
CA GLY C 18 -9.09 8.42 -19.53
C GLY C 18 -8.90 6.94 -19.31
N ALA C 19 -8.99 6.45 -18.07
CA ALA C 19 -8.82 5.02 -17.86
C ALA C 19 -9.95 4.26 -18.56
N GLN C 20 -9.63 3.03 -19.01
CA GLN C 20 -10.47 2.29 -19.94
C GLN C 20 -10.90 0.90 -19.47
N LYS C 21 -10.52 0.48 -18.28
CA LYS C 21 -10.60 -0.91 -17.87
C LYS C 21 -11.38 -1.04 -16.57
N ASP C 22 -11.66 -2.29 -16.17
CA ASP C 22 -12.20 -2.56 -14.84
C ASP C 22 -11.14 -2.92 -13.82
N THR C 23 -9.96 -3.38 -14.25
CA THR C 23 -8.89 -3.77 -13.37
C THR C 23 -7.60 -3.12 -13.87
N TYR C 24 -6.67 -2.93 -12.94
CA TYR C 24 -5.49 -2.11 -13.19
C TYR C 24 -4.31 -2.64 -12.38
N THR C 25 -3.10 -2.36 -12.87
CA THR C 25 -2.01 -2.48 -11.91
C THR C 25 -2.03 -1.29 -10.96
N MET C 26 -1.35 -1.47 -9.82
CA MET C 26 -1.19 -0.33 -8.89
C MET C 26 -0.51 0.86 -9.57
N LYS C 27 0.43 0.58 -10.48
CA LYS C 27 1.12 1.64 -11.18
C LYS C 27 0.14 2.45 -12.00
N GLU C 28 -0.79 1.77 -12.67
CA GLU C 28 -1.83 2.47 -13.44
C GLU C 28 -2.74 3.28 -12.52
N VAL C 29 -3.16 2.73 -11.37
CA VAL C 29 -4.03 3.50 -10.48
C VAL C 29 -3.32 4.79 -10.08
N LEU C 30 -2.06 4.68 -9.67
CA LEU C 30 -1.30 5.86 -9.25
C LEU C 30 -1.12 6.85 -10.40
N PHE C 31 -0.86 6.35 -11.61
CA PHE C 31 -0.72 7.25 -12.74
C PHE C 31 -1.99 8.07 -12.93
N TYR C 32 -3.15 7.41 -12.95
CA TYR C 32 -4.37 8.14 -13.18
C TYR C 32 -4.71 9.06 -12.02
N LEU C 33 -4.47 8.63 -10.78
CA LEU C 33 -4.67 9.56 -9.65
C LEU C 33 -3.82 10.81 -9.81
N GLY C 34 -2.55 10.64 -10.21
CA GLY C 34 -1.72 11.80 -10.45
C GLY C 34 -2.23 12.70 -11.57
N GLN C 35 -2.75 12.10 -12.65
CA GLN C 35 -3.32 12.92 -13.72
C GLN C 35 -4.54 13.67 -13.24
N TYR C 36 -5.36 13.03 -12.39
CA TYR C 36 -6.55 13.69 -11.85
C TYR C 36 -6.14 14.86 -10.96
N ILE C 37 -5.17 14.63 -10.07
CA ILE C 37 -4.68 15.70 -9.21
C ILE C 37 -4.16 16.85 -10.04
N MET C 38 -3.39 16.54 -11.09
CA MET C 38 -2.83 17.56 -11.99
C MET C 38 -3.93 18.29 -12.76
N THR C 39 -4.85 17.56 -13.37
CA THR C 39 -5.81 18.23 -14.24
C THR C 39 -6.76 19.08 -13.44
N LYS C 40 -7.13 18.64 -12.24
CA LYS C 40 -8.05 19.38 -11.39
C LYS C 40 -7.34 20.39 -10.51
N ARG C 41 -6.03 20.54 -10.70
CA ARG C 41 -5.21 21.53 -9.97
C ARG C 41 -5.58 21.51 -8.48
N LEU C 42 -5.53 20.32 -7.89
CA LEU C 42 -5.84 20.10 -6.48
C LEU C 42 -4.67 20.43 -5.57
N TYR C 43 -3.51 20.61 -6.13
CA TYR C 43 -2.39 20.95 -5.24
C TYR C 43 -2.26 22.46 -5.14
N ASP C 44 -1.59 22.88 -4.08
CA ASP C 44 -1.24 24.29 -3.90
C ASP C 44 -0.08 24.63 -4.82
N GLU C 45 -0.28 25.58 -5.75
CA GLU C 45 0.83 25.90 -6.66
C GLU C 45 2.02 26.49 -5.91
N LYS C 46 1.81 27.04 -4.70
CA LYS C 46 2.94 27.48 -3.89
C LYS C 46 3.60 26.34 -3.11
N GLN C 47 2.83 25.31 -2.72
CA GLN C 47 3.37 24.18 -1.97
C GLN C 47 2.88 22.92 -2.67
N GLN C 48 3.61 22.53 -3.72
CA GLN C 48 3.10 21.60 -4.71
C GLN C 48 2.95 20.18 -4.19
N HIS C 49 3.65 19.82 -3.12
CA HIS C 49 3.55 18.49 -2.55
C HIS C 49 2.31 18.30 -1.68
N ILE C 50 1.54 19.34 -1.41
CA ILE C 50 0.32 19.19 -0.62
C ILE C 50 -0.88 19.20 -1.55
N VAL C 51 -1.70 18.15 -1.45
CA VAL C 51 -2.92 17.99 -2.24
C VAL C 51 -4.11 18.36 -1.36
N TYR C 52 -4.89 19.35 -1.78
CA TYR C 52 -6.08 19.76 -1.04
C TYR C 52 -7.31 19.18 -1.74
N CYS C 53 -8.02 18.28 -1.06
CA CYS C 53 -9.07 17.52 -1.71
C CYS C 53 -10.42 17.63 -1.00
N SER C 54 -10.58 18.56 -0.07
CA SER C 54 -11.76 18.56 0.80
C SER C 54 -13.06 18.85 0.04
N ASN C 55 -13.02 19.59 -1.04
CA ASN C 55 -14.23 19.87 -1.79
C ASN C 55 -14.24 19.15 -3.13
N ASP C 56 -13.69 17.94 -3.15
CA ASP C 56 -13.56 17.15 -4.36
C ASP C 56 -13.91 15.71 -4.01
N LEU C 57 -14.37 14.97 -5.02
CA LEU C 57 -14.67 13.55 -4.82
C LEU C 57 -13.48 12.82 -4.19
N LEU C 58 -12.27 13.21 -4.57
CA LEU C 58 -11.08 12.54 -4.06
C LEU C 58 -11.02 12.59 -2.53
N GLY C 59 -11.38 13.73 -1.94
CA GLY C 59 -11.47 13.84 -0.49
C GLY C 59 -12.50 12.90 0.12
N ASP C 60 -13.64 12.71 -0.55
CA ASP C 60 -14.64 11.76 -0.05
C ASP C 60 -14.08 10.35 -0.08
N LEU C 61 -13.38 9.99 -1.15
CA LEU C 61 -12.92 8.62 -1.30
C LEU C 61 -11.76 8.31 -0.38
N PHE C 62 -10.88 9.29 -0.19
CA PHE C 62 -9.70 9.09 0.66
C PHE C 62 -10.04 9.29 2.14
N GLY C 63 -11.12 10.02 2.45
CA GLY C 63 -11.51 10.23 3.82
C GLY C 63 -10.70 11.28 4.55
N VAL C 64 -10.01 12.15 3.82
CA VAL C 64 -9.20 13.22 4.41
C VAL C 64 -9.43 14.52 3.66
N PRO C 65 -9.14 15.64 4.31
CA PRO C 65 -9.26 16.95 3.64
C PRO C 65 -8.04 17.34 2.85
N SER C 66 -6.88 16.79 3.15
CA SER C 66 -5.67 17.06 2.39
C SER C 66 -4.68 15.97 2.74
N PHE C 67 -3.61 15.89 1.93
CA PHE C 67 -2.51 14.99 2.22
C PHE C 67 -1.24 15.47 1.52
N SER C 68 -0.10 15.07 2.08
CA SER C 68 1.19 15.31 1.43
C SER C 68 1.56 14.14 0.54
N VAL C 69 2.11 14.47 -0.64
CA VAL C 69 2.57 13.41 -1.55
C VAL C 69 3.74 12.65 -0.98
N LYS C 70 4.37 13.17 0.08
CA LYS C 70 5.49 12.48 0.69
C LYS C 70 5.05 11.38 1.63
N GLU C 71 3.75 11.35 1.96
N GLU C 71 3.79 11.30 2.01
CA GLU C 71 3.11 10.39 2.88
CA GLU C 71 3.42 10.29 3.00
C GLU C 71 2.66 9.15 2.11
C GLU C 71 2.75 9.15 2.25
N HIS C 72 3.63 8.37 1.61
CA HIS C 72 3.21 7.28 0.73
C HIS C 72 2.38 6.24 1.46
N ARG C 73 2.80 5.84 2.65
CA ARG C 73 2.10 4.80 3.42
C ARG C 73 0.63 5.21 3.58
N LYS C 74 0.39 6.45 3.98
N LYS C 74 0.40 6.44 3.98
CA LYS C 74 -1.00 6.88 4.14
CA LYS C 74 -0.98 6.90 4.13
C LYS C 74 -1.74 6.84 2.80
C LYS C 74 -1.73 6.83 2.80
N ILE C 75 -1.09 7.24 1.71
CA ILE C 75 -1.75 7.17 0.40
C ILE C 75 -2.19 5.74 0.09
N TYR C 76 -1.31 4.76 0.32
CA TYR C 76 -1.73 3.39 0.05
C TYR C 76 -2.93 2.98 0.90
N THR C 77 -2.97 3.35 2.18
CA THR C 77 -4.14 2.95 2.94
C THR C 77 -5.38 3.64 2.38
N MET C 78 -5.26 4.87 1.90
CA MET C 78 -6.43 5.56 1.34
C MET C 78 -6.88 4.91 0.04
N ILE C 79 -5.93 4.50 -0.79
CA ILE C 79 -6.31 3.81 -2.02
C ILE C 79 -7.03 2.52 -1.69
N TYR C 80 -6.54 1.75 -0.71
CA TYR C 80 -7.15 0.46 -0.41
C TYR C 80 -8.54 0.58 0.20
N ARG C 81 -8.94 1.75 0.69
CA ARG C 81 -10.35 1.98 1.04
C ARG C 81 -11.24 1.86 -0.18
N ASN C 82 -10.66 1.91 -1.39
CA ASN C 82 -11.41 2.09 -2.62
C ASN C 82 -11.18 0.97 -3.61
N LEU C 83 -10.66 -0.17 -3.13
CA LEU C 83 -10.45 -1.33 -3.97
C LEU C 83 -11.34 -2.48 -3.52
N VAL C 84 -11.82 -3.25 -4.49
CA VAL C 84 -12.65 -4.43 -4.22
C VAL C 84 -11.72 -5.54 -3.79
N VAL C 85 -11.79 -5.87 -2.50
CA VAL C 85 -10.96 -6.93 -1.92
C VAL C 85 -11.82 -7.76 -0.98
#